data_8B8F
#
_entry.id   8B8F
#
_cell.length_a   52.530
_cell.length_b   61.270
_cell.length_c   44.790
_cell.angle_alpha   90.000
_cell.angle_beta   90.000
_cell.angle_gamma   90.000
#
_symmetry.space_group_name_H-M   'P 21 21 2'
#
loop_
_entity.id
_entity.type
_entity.pdbx_description
1 polymer 'N-terminal beta-trefoil domain of the lectin LBL from Laccaria bicolor'
2 branched beta-D-galactopyranose-(1-4)-alpha-D-glucopyranose
3 branched beta-D-galactopyranose-(1-4)-beta-D-glucopyranose
4 water water
#
_entity_poly.entity_id   1
_entity_poly.type   'polypeptide(L)'
_entity_poly.pdbx_seq_one_letter_code
;MSNEYNPPLGIAFRLCGLASDRVLFSRVSPSPEVFHHPKSEVYPDQWFVAIPGSGQNAGCYAIKSKNTGKVLFSRMSPDP
RVGHIDGDGKYPDNWFKFEAGSGKYAGYFRLRAVASDTVLVSRTSTGTDTQVINYPATSAKYDDQYFTILFD
;
_entity_poly.pdbx_strand_id   A
#
# COMPACT_ATOMS: atom_id res chain seq x y z
N SER A 2 16.89 6.94 7.42
CA SER A 2 17.18 5.53 7.67
C SER A 2 15.97 4.67 7.28
N ASN A 3 16.21 3.37 7.15
CA ASN A 3 15.17 2.37 6.96
C ASN A 3 14.43 2.54 5.64
N GLU A 4 15.08 3.04 4.59
CA GLU A 4 14.43 3.05 3.28
C GLU A 4 14.47 1.65 2.68
N TYR A 5 13.33 1.18 2.22
CA TYR A 5 13.22 -0.05 1.43
C TYR A 5 12.92 0.34 -0.01
N ASN A 6 13.55 -0.34 -0.97
CA ASN A 6 13.34 -0.08 -2.39
C ASN A 6 12.69 -1.27 -3.08
N PRO A 7 11.45 -1.14 -3.56
CA PRO A 7 10.85 -2.21 -4.33
C PRO A 7 11.51 -2.31 -5.69
N PRO A 8 11.42 -3.46 -6.32
CA PRO A 8 11.91 -3.62 -7.69
C PRO A 8 11.07 -2.81 -8.68
N LEU A 9 11.70 -2.42 -9.78
CA LEU A 9 11.08 -1.66 -10.84
C LEU A 9 10.84 -2.55 -12.05
N GLY A 10 9.82 -2.20 -12.83
CA GLY A 10 9.60 -2.86 -14.10
C GLY A 10 9.17 -4.31 -14.02
N ILE A 11 8.59 -4.71 -12.90
CA ILE A 11 8.05 -6.05 -12.68
C ILE A 11 6.89 -5.86 -11.74
N ALA A 12 5.78 -6.52 -12.02
CA ALA A 12 4.63 -6.39 -11.15
C ALA A 12 4.75 -7.31 -9.94
N PHE A 13 4.15 -6.86 -8.83
CA PHE A 13 4.18 -7.60 -7.59
C PHE A 13 2.83 -7.49 -6.87
N ARG A 14 2.62 -8.40 -5.94
N ARG A 14 2.63 -8.42 -5.93
CA ARG A 14 1.52 -8.29 -4.99
CA ARG A 14 1.54 -8.40 -4.96
C ARG A 14 2.09 -7.79 -3.66
C ARG A 14 2.04 -7.93 -3.61
N LEU A 15 1.22 -7.15 -2.88
CA LEU A 15 1.55 -6.62 -1.55
C LEU A 15 0.73 -7.38 -0.51
N CYS A 16 1.41 -8.20 0.29
CA CYS A 16 0.77 -9.11 1.22
C CYS A 16 0.97 -8.64 2.65
N GLY A 17 -0.12 -8.57 3.42
CA GLY A 17 -0.04 -8.17 4.81
C GLY A 17 0.49 -9.29 5.70
N LEU A 18 1.40 -8.92 6.61
CA LEU A 18 1.94 -9.87 7.59
C LEU A 18 0.84 -10.46 8.46
N ALA A 19 -0.02 -9.60 9.01
CA ALA A 19 -1.03 -10.05 9.96
C ALA A 19 -2.20 -10.74 9.25
N SER A 20 -2.54 -10.28 8.07
CA SER A 20 -3.76 -10.71 7.41
C SER A 20 -3.55 -11.89 6.46
N ASP A 21 -2.33 -12.09 5.96
CA ASP A 21 -2.09 -13.03 4.85
C ASP A 21 -3.02 -12.75 3.66
N ARG A 22 -3.33 -11.47 3.47
CA ARG A 22 -4.16 -11.01 2.36
C ARG A 22 -3.39 -9.98 1.56
N VAL A 23 -3.65 -9.97 0.25
CA VAL A 23 -2.99 -9.06 -0.68
C VAL A 23 -3.93 -7.91 -1.05
N LEU A 24 -3.36 -6.72 -1.21
CA LEU A 24 -4.14 -5.56 -1.64
C LEU A 24 -4.61 -5.73 -3.08
N PHE A 25 -5.68 -5.03 -3.44
CA PHE A 25 -6.12 -5.02 -4.83
C PHE A 25 -6.78 -3.70 -5.20
N SER A 26 -6.84 -3.47 -6.52
CA SER A 26 -7.47 -2.30 -7.15
C SER A 26 -8.25 -2.78 -8.37
N ARG A 27 -9.56 -2.53 -8.37
CA ARG A 27 -10.44 -2.92 -9.47
C ARG A 27 -11.50 -1.84 -9.63
N VAL A 28 -12.12 -1.75 -10.80
CA VAL A 28 -13.22 -0.78 -10.96
C VAL A 28 -14.57 -1.39 -10.59
N SER A 29 -14.67 -2.72 -10.49
N SER A 29 -14.68 -2.71 -10.50
CA SER A 29 -15.90 -3.39 -10.11
CA SER A 29 -15.91 -3.37 -10.12
C SER A 29 -15.53 -4.80 -9.69
C SER A 29 -15.58 -4.81 -9.74
N PRO A 30 -16.33 -5.42 -8.81
CA PRO A 30 -17.43 -4.83 -8.04
C PRO A 30 -16.86 -4.00 -6.88
N SER A 31 -17.74 -3.37 -6.12
CA SER A 31 -17.37 -2.79 -4.84
C SER A 31 -17.08 -3.88 -3.82
N PRO A 32 -16.06 -3.70 -2.95
CA PRO A 32 -15.17 -2.54 -2.84
C PRO A 32 -14.10 -2.54 -3.94
N GLU A 33 -13.75 -1.34 -4.40
CA GLU A 33 -12.74 -1.19 -5.45
C GLU A 33 -11.33 -1.43 -4.92
N VAL A 34 -11.05 -1.02 -3.69
CA VAL A 34 -9.75 -1.18 -3.04
C VAL A 34 -9.97 -1.92 -1.73
N PHE A 35 -9.38 -3.09 -1.61
CA PHE A 35 -9.59 -3.95 -0.45
C PHE A 35 -8.45 -4.96 -0.45
N HIS A 36 -8.65 -6.13 0.19
CA HIS A 36 -7.62 -7.16 0.23
C HIS A 36 -8.28 -8.53 0.04
N HIS A 37 -7.46 -9.52 -0.30
CA HIS A 37 -7.96 -10.84 -0.68
C HIS A 37 -7.02 -11.92 -0.21
N PRO A 38 -7.51 -13.09 0.24
CA PRO A 38 -6.60 -14.18 0.65
C PRO A 38 -5.53 -14.48 -0.39
N LYS A 39 -4.28 -14.59 0.09
CA LYS A 39 -3.13 -14.65 -0.82
C LYS A 39 -3.12 -15.91 -1.67
N SER A 40 -3.79 -16.98 -1.26
CA SER A 40 -3.77 -18.21 -2.06
C SER A 40 -4.50 -18.07 -3.39
N GLU A 41 -5.34 -17.06 -3.57
CA GLU A 41 -6.08 -16.87 -4.81
C GLU A 41 -5.50 -15.66 -5.54
N VAL A 42 -4.84 -15.91 -6.66
CA VAL A 42 -4.16 -14.88 -7.43
C VAL A 42 -5.13 -14.37 -8.49
N TYR A 43 -5.31 -13.05 -8.56
CA TYR A 43 -6.21 -12.42 -9.51
C TYR A 43 -5.56 -11.17 -10.07
N PRO A 44 -5.98 -10.75 -11.29
N PRO A 44 -6.02 -10.73 -11.26
CA PRO A 44 -5.32 -9.60 -11.95
CA PRO A 44 -5.35 -9.65 -11.99
C PRO A 44 -5.27 -8.32 -11.14
C PRO A 44 -5.36 -8.31 -11.27
N ASP A 45 -6.32 -8.08 -10.36
CA ASP A 45 -6.43 -6.83 -9.62
C ASP A 45 -5.41 -6.72 -8.49
N GLN A 46 -4.60 -7.74 -8.25
CA GLN A 46 -3.64 -7.74 -7.15
C GLN A 46 -2.25 -7.27 -7.57
N TRP A 47 -2.04 -6.94 -8.85
CA TRP A 47 -0.71 -6.66 -9.36
C TRP A 47 -0.44 -5.15 -9.45
N PHE A 48 0.70 -4.73 -8.88
CA PHE A 48 1.12 -3.35 -8.85
C PHE A 48 2.56 -3.22 -9.32
N VAL A 49 2.91 -2.01 -9.78
CA VAL A 49 4.30 -1.64 -10.02
C VAL A 49 4.62 -0.41 -9.19
N ALA A 50 5.91 -0.23 -8.93
CA ALA A 50 6.40 0.92 -8.16
C ALA A 50 6.89 1.99 -9.12
N ILE A 51 6.51 3.24 -8.88
N ILE A 51 6.49 3.24 -8.88
CA ILE A 51 7.02 4.38 -9.64
CA ILE A 51 6.83 4.41 -9.68
C ILE A 51 7.97 5.17 -8.73
C ILE A 51 7.80 5.25 -8.85
N PRO A 52 9.23 5.36 -9.10
N PRO A 52 9.07 5.39 -9.22
CA PRO A 52 10.15 6.11 -8.24
CA PRO A 52 10.01 6.14 -8.37
C PRO A 52 9.86 7.60 -8.25
C PRO A 52 9.66 7.62 -8.28
N GLY A 53 9.86 8.19 -7.06
CA GLY A 53 9.68 9.61 -6.89
C GLY A 53 10.96 10.38 -7.11
N SER A 54 10.80 11.70 -7.17
CA SER A 54 11.89 12.63 -7.39
C SER A 54 11.72 13.85 -6.48
N GLY A 55 12.79 14.64 -6.40
CA GLY A 55 12.75 15.85 -5.59
C GLY A 55 12.51 15.51 -4.14
N GLN A 56 11.56 16.19 -3.51
CA GLN A 56 11.27 15.87 -2.13
C GLN A 56 10.72 14.45 -1.95
N ASN A 57 10.28 13.80 -3.04
CA ASN A 57 9.81 12.42 -3.01
C ASN A 57 10.89 11.42 -3.45
N ALA A 58 12.15 11.84 -3.58
CA ALA A 58 13.21 10.89 -3.85
C ALA A 58 13.24 9.86 -2.73
N GLY A 59 13.37 8.59 -3.10
CA GLY A 59 13.34 7.54 -2.12
C GLY A 59 11.95 7.06 -1.74
N CYS A 60 10.90 7.67 -2.28
CA CYS A 60 9.52 7.24 -2.11
C CYS A 60 9.01 6.73 -3.46
N TYR A 61 7.85 6.09 -3.41
CA TYR A 61 7.28 5.42 -4.59
C TYR A 61 5.78 5.60 -4.61
N ALA A 62 5.22 5.73 -5.81
CA ALA A 62 3.77 5.57 -6.01
C ALA A 62 3.52 4.10 -6.36
N ILE A 63 2.35 3.61 -5.98
CA ILE A 63 2.01 2.21 -6.08
C ILE A 63 0.88 2.13 -7.11
N LYS A 64 1.22 1.72 -8.33
CA LYS A 64 0.35 1.82 -9.50
C LYS A 64 -0.25 0.46 -9.85
N SER A 65 -1.57 0.39 -9.90
CA SER A 65 -2.27 -0.82 -10.31
C SER A 65 -2.07 -1.10 -11.79
N LYS A 66 -1.63 -2.31 -12.12
CA LYS A 66 -1.59 -2.77 -13.51
C LYS A 66 -2.99 -3.09 -14.04
N ASN A 67 -3.98 -3.21 -13.15
N ASN A 67 -3.96 -3.29 -13.17
CA ASN A 67 -5.35 -3.59 -13.46
CA ASN A 67 -5.33 -3.55 -13.61
C ASN A 67 -6.26 -2.41 -13.78
C ASN A 67 -6.04 -2.26 -14.00
N THR A 68 -6.09 -1.30 -13.08
CA THR A 68 -6.89 -0.09 -13.28
C THR A 68 -6.10 1.11 -13.77
N GLY A 69 -4.77 1.08 -13.68
CA GLY A 69 -3.97 2.26 -13.93
C GLY A 69 -3.93 3.25 -12.79
N LYS A 70 -4.69 3.04 -11.73
CA LYS A 70 -4.77 3.99 -10.64
C LYS A 70 -3.64 3.75 -9.63
N VAL A 71 -3.26 4.81 -8.92
CA VAL A 71 -2.30 4.70 -7.82
C VAL A 71 -3.04 4.72 -6.49
N LEU A 72 -2.47 4.04 -5.49
CA LEU A 72 -3.05 4.04 -4.16
C LEU A 72 -2.85 5.41 -3.49
N PHE A 73 -3.73 5.73 -2.53
CA PHE A 73 -3.55 6.89 -1.69
C PHE A 73 -3.89 6.55 -0.24
N SER A 74 -3.34 7.35 0.67
CA SER A 74 -3.60 7.23 2.10
C SER A 74 -3.61 8.62 2.72
N ARG A 75 -4.73 8.98 3.36
CA ARG A 75 -4.96 10.31 3.94
C ARG A 75 -5.78 10.15 5.24
N MET A 76 -5.74 11.18 6.09
CA MET A 76 -6.55 11.16 7.31
C MET A 76 -8.00 11.56 7.03
N SER A 77 -8.21 12.34 5.99
CA SER A 77 -9.51 12.86 5.59
C SER A 77 -9.34 13.48 4.20
N PRO A 78 -10.42 13.59 3.40
CA PRO A 78 -11.76 13.10 3.68
C PRO A 78 -11.80 11.58 3.60
N ASP A 79 -12.97 11.03 3.90
CA ASP A 79 -13.24 9.64 3.65
C ASP A 79 -13.52 9.44 2.17
N PRO A 80 -13.13 8.28 1.62
CA PRO A 80 -12.41 7.20 2.30
C PRO A 80 -10.94 7.56 2.53
N ARG A 81 -10.40 7.03 3.62
N ARG A 81 -10.39 7.08 3.64
CA ARG A 81 -9.03 7.33 4.03
CA ARG A 81 -9.00 7.39 3.98
C ARG A 81 -8.02 6.63 3.13
C ARG A 81 -7.99 6.64 3.10
N VAL A 82 -8.38 5.48 2.56
CA VAL A 82 -7.51 4.69 1.70
C VAL A 82 -8.29 4.37 0.42
N GLY A 83 -7.65 4.51 -0.72
CA GLY A 83 -8.32 4.26 -1.97
C GLY A 83 -7.35 4.36 -3.12
N HIS A 84 -7.88 4.64 -4.31
CA HIS A 84 -7.06 4.75 -5.50
C HIS A 84 -7.54 5.92 -6.36
N ILE A 85 -6.66 6.42 -7.22
CA ILE A 85 -7.00 7.56 -8.08
C ILE A 85 -6.13 7.52 -9.35
N ASP A 86 -6.68 8.05 -10.44
CA ASP A 86 -5.94 8.08 -11.70
C ASP A 86 -4.65 8.88 -11.58
N GLY A 87 -3.72 8.51 -12.46
CA GLY A 87 -2.48 9.21 -12.69
C GLY A 87 -1.28 8.39 -12.28
N ASP A 88 -0.15 9.07 -12.21
CA ASP A 88 1.12 8.45 -11.89
C ASP A 88 1.68 9.05 -10.62
N GLY A 89 0.81 9.48 -9.70
CA GLY A 89 1.26 10.12 -8.48
C GLY A 89 1.16 11.64 -8.52
N LYS A 90 0.03 12.16 -8.99
CA LYS A 90 -0.20 13.60 -9.07
C LYS A 90 -0.38 14.27 -7.72
N TYR A 91 -0.82 13.52 -6.69
CA TYR A 91 -1.19 14.08 -5.40
C TYR A 91 -0.18 13.68 -4.32
N PRO A 92 0.04 14.53 -3.30
N PRO A 92 -0.03 14.52 -3.31
CA PRO A 92 1.04 14.17 -2.26
CA PRO A 92 0.99 14.25 -2.29
C PRO A 92 0.76 12.85 -1.55
C PRO A 92 0.76 12.96 -1.52
N ASP A 93 -0.50 12.55 -1.30
CA ASP A 93 -0.85 11.34 -0.57
C ASP A 93 -0.78 10.08 -1.42
N ASN A 94 -0.18 10.18 -2.61
CA ASN A 94 0.16 9.03 -3.44
C ASN A 94 1.59 8.53 -3.23
N TRP A 95 2.39 9.22 -2.41
CA TRP A 95 3.82 8.95 -2.31
C TRP A 95 4.13 8.24 -1.00
N PHE A 96 4.67 7.02 -1.12
CA PHE A 96 4.92 6.15 0.01
C PHE A 96 6.41 5.93 0.22
N LYS A 97 6.85 6.09 1.47
CA LYS A 97 8.12 5.53 1.89
C LYS A 97 7.83 4.08 2.31
N PHE A 98 8.53 3.13 1.68
CA PHE A 98 8.51 1.75 2.13
C PHE A 98 9.51 1.74 3.30
N GLU A 99 9.01 1.62 4.53
N GLU A 99 8.97 1.61 4.52
CA GLU A 99 9.82 1.77 5.73
CA GLU A 99 9.75 1.68 5.75
C GLU A 99 10.22 0.39 6.20
C GLU A 99 10.22 0.27 6.09
N ALA A 100 11.51 0.04 6.00
CA ALA A 100 12.01 -1.32 6.20
C ALA A 100 11.85 -1.74 7.64
N GLY A 101 11.36 -2.96 7.82
CA GLY A 101 11.35 -3.58 9.14
C GLY A 101 12.70 -4.20 9.50
N SER A 102 12.86 -4.44 10.80
CA SER A 102 14.03 -5.13 11.35
C SER A 102 13.57 -6.20 12.34
N GLY A 103 14.51 -7.03 12.79
CA GLY A 103 14.14 -8.12 13.71
C GLY A 103 13.17 -9.09 13.08
N LYS A 104 12.08 -9.38 13.80
CA LYS A 104 11.04 -10.25 13.25
C LYS A 104 10.44 -9.69 11.97
N TYR A 105 10.56 -8.39 11.73
CA TYR A 105 10.01 -7.74 10.55
C TYR A 105 11.01 -7.65 9.40
N ALA A 106 12.19 -8.25 9.53
CA ALA A 106 13.10 -8.30 8.39
C ALA A 106 12.37 -8.97 7.24
N GLY A 107 12.52 -8.38 6.06
CA GLY A 107 11.79 -8.80 4.86
C GLY A 107 10.53 -7.99 4.56
N TYR A 108 10.01 -7.30 5.55
CA TYR A 108 8.73 -6.59 5.52
C TYR A 108 9.00 -5.09 5.61
N PHE A 109 7.93 -4.32 5.38
CA PHE A 109 8.00 -2.88 5.46
C PHE A 109 6.62 -2.33 5.82
N ARG A 110 6.61 -1.10 6.36
CA ARG A 110 5.37 -0.33 6.42
C ARG A 110 5.25 0.52 5.16
N LEU A 111 4.01 0.87 4.80
CA LEU A 111 3.73 1.74 3.65
C LEU A 111 3.30 3.08 4.21
N ARG A 112 4.26 4.03 4.28
CA ARG A 112 4.11 5.28 5.00
C ARG A 112 3.88 6.40 3.98
N ALA A 113 2.66 6.96 3.96
CA ALA A 113 2.35 8.10 3.13
C ALA A 113 2.89 9.32 3.86
N VAL A 114 4.07 9.79 3.44
N VAL A 114 4.04 9.79 3.39
CA VAL A 114 4.79 10.82 4.19
CA VAL A 114 4.80 10.81 4.12
C VAL A 114 3.93 12.07 4.34
C VAL A 114 4.00 12.10 4.29
N ALA A 115 3.24 12.48 3.28
CA ALA A 115 2.56 13.77 3.31
C ALA A 115 1.41 13.81 4.31
N SER A 116 0.77 12.66 4.57
CA SER A 116 -0.34 12.59 5.50
C SER A 116 0.05 12.00 6.84
N ASP A 117 1.30 11.57 7.00
CA ASP A 117 1.77 10.97 8.25
C ASP A 117 0.90 9.77 8.64
N THR A 118 0.64 8.89 7.67
CA THR A 118 -0.14 7.69 7.90
C THR A 118 0.59 6.46 7.36
N VAL A 119 0.22 5.30 7.90
CA VAL A 119 0.65 4.00 7.36
C VAL A 119 -0.57 3.17 6.99
N LEU A 120 -0.44 2.37 5.93
CA LEU A 120 -1.50 1.45 5.57
C LEU A 120 -1.63 0.31 6.59
N VAL A 121 -2.84 -0.25 6.65
CA VAL A 121 -3.19 -1.35 7.54
C VAL A 121 -3.98 -2.38 6.74
N SER A 122 -3.62 -3.67 6.90
CA SER A 122 -4.39 -4.79 6.40
C SER A 122 -4.54 -5.77 7.56
N ARG A 123 -5.78 -5.97 8.02
CA ARG A 123 -6.03 -6.76 9.22
C ARG A 123 -7.30 -7.57 9.05
N THR A 124 -7.47 -8.55 9.95
CA THR A 124 -8.68 -9.36 10.01
C THR A 124 -9.35 -9.25 11.38
N SER A 125 -8.90 -8.34 12.23
CA SER A 125 -9.35 -8.18 13.61
C SER A 125 -10.52 -7.22 13.76
N THR A 126 -11.02 -6.67 12.66
CA THR A 126 -12.20 -5.83 12.64
C THR A 126 -13.10 -6.31 11.51
N GLY A 127 -14.31 -5.73 11.43
CA GLY A 127 -15.20 -6.02 10.33
C GLY A 127 -14.66 -5.49 9.01
N THR A 128 -15.24 -5.96 7.91
CA THR A 128 -14.66 -5.72 6.59
C THR A 128 -14.63 -4.25 6.22
N ASP A 129 -15.52 -3.42 6.76
CA ASP A 129 -15.49 -2.02 6.40
C ASP A 129 -14.21 -1.31 6.84
N THR A 130 -13.50 -1.86 7.83
CA THR A 130 -12.29 -1.21 8.34
C THR A 130 -11.08 -2.15 8.38
N GLN A 131 -11.08 -3.21 7.57
CA GLN A 131 -9.93 -4.12 7.49
C GLN A 131 -8.76 -3.54 6.69
N VAL A 132 -9.04 -2.71 5.68
CA VAL A 132 -8.02 -2.03 4.89
C VAL A 132 -8.22 -0.55 5.19
N ILE A 133 -7.28 0.05 5.91
N ILE A 133 -7.28 0.00 5.97
CA ILE A 133 -7.46 1.43 6.38
CA ILE A 133 -7.42 1.30 6.62
C ILE A 133 -6.06 1.99 6.59
C ILE A 133 -6.01 1.87 6.77
N ASN A 134 -5.91 3.01 7.43
CA ASN A 134 -4.61 3.57 7.77
C ASN A 134 -4.61 3.98 9.25
N TYR A 135 -3.43 4.37 9.71
CA TYR A 135 -3.18 4.63 11.13
C TYR A 135 -2.08 5.69 11.20
N PRO A 136 -2.05 6.52 12.24
CA PRO A 136 -1.00 7.55 12.30
C PRO A 136 0.38 6.90 12.34
N ALA A 137 1.30 7.47 11.55
CA ALA A 137 2.59 6.83 11.32
C ALA A 137 3.60 7.05 12.44
N THR A 138 3.39 8.07 13.28
CA THR A 138 4.34 8.45 14.30
C THR A 138 3.76 8.03 15.65
N SER A 139 3.21 6.83 15.69
N SER A 139 3.18 6.84 15.71
CA SER A 139 2.46 6.26 16.82
CA SER A 139 2.52 6.29 16.90
C SER A 139 2.89 4.80 16.98
C SER A 139 2.95 4.84 17.11
N ALA A 140 2.07 4.00 17.65
CA ALA A 140 2.44 2.62 17.92
C ALA A 140 2.54 1.83 16.62
N LYS A 141 3.41 0.82 16.62
CA LYS A 141 3.55 -0.09 15.51
C LYS A 141 2.89 -1.43 15.83
N TYR A 142 2.23 -2.00 14.83
CA TYR A 142 1.54 -3.28 14.96
C TYR A 142 1.87 -4.12 13.74
N ASP A 143 1.75 -5.45 13.89
CA ASP A 143 2.01 -6.37 12.78
C ASP A 143 1.16 -6.05 11.54
N ASP A 144 -0.06 -5.56 11.74
CA ASP A 144 -0.99 -5.33 10.64
C ASP A 144 -0.62 -4.09 9.80
N GLN A 145 0.47 -3.42 10.16
CA GLN A 145 1.04 -2.34 9.35
C GLN A 145 2.17 -2.85 8.46
N TYR A 146 2.55 -4.12 8.56
CA TYR A 146 3.68 -4.63 7.79
C TYR A 146 3.19 -5.44 6.60
N PHE A 147 3.90 -5.26 5.49
CA PHE A 147 3.65 -5.88 4.21
C PHE A 147 4.95 -6.44 3.67
N THR A 148 4.82 -7.39 2.73
CA THR A 148 5.96 -7.79 1.92
C THR A 148 5.52 -7.91 0.47
N ILE A 149 6.51 -8.07 -0.41
CA ILE A 149 6.32 -8.16 -1.84
C ILE A 149 6.36 -9.62 -2.25
N LEU A 150 5.37 -10.04 -3.07
CA LEU A 150 5.31 -11.38 -3.62
C LEU A 150 5.29 -11.31 -5.14
N PHE A 151 5.91 -12.31 -5.77
CA PHE A 151 5.85 -12.49 -7.20
C PHE A 151 4.99 -13.72 -7.59
N ASP A 152 4.28 -14.29 -6.63
CA ASP A 152 3.33 -15.36 -6.90
C ASP A 152 2.43 -15.45 -5.68
#